data_2QSU
#
_entry.id   2QSU
#
_cell.length_a   40.250
_cell.length_b   126.910
_cell.length_c   45.340
_cell.angle_alpha   90.00
_cell.angle_beta   106.75
_cell.angle_gamma   90.00
#
_symmetry.space_group_name_H-M   'P 1 21 1'
#
loop_
_entity.id
_entity.type
_entity.pdbx_description
1 polymer "5'-methylthioadenosine nucleosidase"
2 water water
#
_entity_poly.entity_id   1
_entity_poly.type   'polypeptide(L)'
_entity_poly.pdbx_seq_one_letter_code
;MAPHGDGLSDIEEPEVDAQSEILRPISSVVFVIAMQAEALPLVNKFGLSETTDSPLGKGLPWVLYHGVHKDLRINVVCPG
RDAALGIDSVGTVPASLITFASIQALKPDIIINAGTCGGFKVKGANIGDVFLVSDVVFHDRRIPIPMFDLYGVGLRQAFS
TPNLLKELNLKIGRLSTGDSLDMSTQDETLIIANDATLKDMEGAAVAYVADLLKIPVVFLKAVTDLVDGDKPTAEEFLQN
LTVVTAALEGTATKVINFINGRNLSDL
;
_entity_poly.pdbx_strand_id   A,B
#
# COMPACT_ATOMS: atom_id res chain seq x y z
N GLU A 21 21.92 -4.42 -23.18
CA GLU A 21 22.70 -3.22 -23.65
C GLU A 21 21.92 -2.44 -24.74
N ILE A 22 22.40 -1.27 -25.19
CA ILE A 22 23.66 -0.59 -24.79
C ILE A 22 23.33 0.57 -23.85
N LEU A 23 24.08 0.69 -22.75
CA LEU A 23 23.73 1.64 -21.71
C LEU A 23 23.98 3.09 -22.15
N ARG A 24 23.18 4.01 -21.61
CA ARG A 24 23.27 5.41 -22.05
C ARG A 24 22.78 6.36 -21.00
N PRO A 25 22.85 7.66 -21.29
CA PRO A 25 22.51 8.64 -20.25
C PRO A 25 21.03 8.57 -19.92
N ILE A 26 20.72 8.66 -18.61
CA ILE A 26 19.37 8.86 -18.08
C ILE A 26 18.61 9.93 -18.85
N SER A 27 17.38 9.60 -19.26
CA SER A 27 16.58 10.55 -20.03
C SER A 27 15.36 11.06 -19.26
N SER A 28 14.73 10.23 -18.45
CA SER A 28 13.55 10.69 -17.73
C SER A 28 13.52 10.22 -16.28
N VAL A 29 12.99 11.07 -15.42
CA VAL A 29 12.92 10.78 -13.99
C VAL A 29 11.51 11.06 -13.50
N VAL A 30 10.99 10.21 -12.60
CA VAL A 30 9.79 10.58 -11.85
C VAL A 30 10.04 10.76 -10.36
N PHE A 31 9.51 11.87 -9.84
CA PHE A 31 9.36 12.11 -8.40
C PHE A 31 7.97 11.66 -7.91
N VAL A 32 7.96 10.93 -6.80
CA VAL A 32 6.77 10.53 -6.12
C VAL A 32 6.79 11.38 -4.88
N ILE A 33 5.88 12.35 -4.85
CA ILE A 33 5.78 13.31 -3.73
C ILE A 33 4.35 13.24 -3.16
N ALA A 34 4.24 12.79 -1.91
CA ALA A 34 2.95 12.54 -1.24
C ALA A 34 2.12 13.78 -0.96
N MET A 35 2.77 14.85 -0.56
CA MET A 35 2.09 16.11 -0.20
C MET A 35 2.18 17.05 -1.37
N GLN A 36 1.06 17.48 -1.89
CA GLN A 36 1.05 18.36 -3.04
C GLN A 36 1.75 19.71 -2.76
N ALA A 37 1.84 20.11 -1.51
CA ALA A 37 2.59 21.31 -1.13
C ALA A 37 4.10 21.11 -1.21
N GLU A 38 4.57 19.88 -0.96
CA GLU A 38 5.99 19.60 -1.09
C GLU A 38 6.47 19.56 -2.56
N ALA A 39 5.52 19.45 -3.51
CA ALA A 39 5.83 19.30 -4.94
C ALA A 39 5.86 20.64 -5.70
N LEU A 40 5.03 21.57 -5.24
CA LEU A 40 4.80 22.85 -5.92
C LEU A 40 6.06 23.69 -6.20
N PRO A 41 6.98 23.80 -5.20
CA PRO A 41 8.22 24.57 -5.38
C PRO A 41 9.16 23.95 -6.42
N LEU A 42 9.05 22.63 -6.60
CA LEU A 42 9.81 21.92 -7.61
C LEU A 42 9.17 22.14 -8.99
N VAL A 43 7.85 22.28 -9.01
CA VAL A 43 7.09 22.44 -10.25
C VAL A 43 7.34 23.82 -10.85
N ASN A 44 7.25 24.83 -9.99
CA ASN A 44 7.63 26.17 -10.37
C ASN A 44 9.11 26.32 -10.75
N LYS A 45 10.00 25.76 -9.94
CA LYS A 45 11.44 25.84 -10.27
C LYS A 45 11.72 25.33 -11.69
N PHE A 46 10.96 24.34 -12.15
CA PHE A 46 11.25 23.75 -13.46
C PHE A 46 10.31 24.09 -14.60
N GLY A 47 9.29 24.88 -14.33
CA GLY A 47 8.28 25.22 -15.35
C GLY A 47 7.59 23.95 -15.81
N LEU A 48 7.33 23.05 -14.86
CA LEU A 48 6.58 21.84 -15.16
C LEU A 48 5.13 22.23 -15.28
N SER A 49 4.39 21.48 -16.08
CA SER A 49 3.00 21.79 -16.37
C SER A 49 2.08 20.62 -15.94
N GLU A 50 1.01 20.94 -15.20
CA GLU A 50 -0.01 19.95 -14.82
C GLU A 50 -0.66 19.37 -16.06
N THR A 51 -0.53 18.06 -16.25
CA THR A 51 -1.12 17.41 -17.42
C THR A 51 -2.65 17.42 -17.32
N THR A 52 -3.33 17.72 -18.42
CA THR A 52 -4.80 17.83 -18.38
C THR A 52 -5.52 16.61 -18.93
N ASP A 53 -4.90 15.87 -19.84
CA ASP A 53 -5.38 14.52 -20.13
C ASP A 53 -4.99 13.66 -18.92
N SER A 54 -5.36 12.38 -18.93
CA SER A 54 -5.13 11.54 -17.72
C SER A 54 -4.33 10.28 -18.00
N PRO A 55 -3.00 10.40 -18.02
CA PRO A 55 -2.12 9.30 -18.44
C PRO A 55 -2.30 8.05 -17.57
N LEU A 56 -2.27 8.26 -16.26
CA LEU A 56 -2.22 7.18 -15.27
C LEU A 56 -3.55 6.45 -15.13
N GLY A 57 -4.63 7.19 -15.39
CA GLY A 57 -5.95 6.59 -15.50
C GLY A 57 -7.04 7.62 -15.42
N LYS A 58 -8.13 7.37 -16.14
CA LYS A 58 -9.33 8.21 -16.09
C LYS A 58 -9.96 8.16 -14.69
N GLY A 59 -10.36 9.34 -14.21
CA GLY A 59 -11.21 9.44 -13.04
C GLY A 59 -10.51 9.18 -11.72
N LEU A 60 -9.21 9.51 -11.70
CA LEU A 60 -8.38 9.38 -10.48
C LEU A 60 -8.01 10.77 -9.92
N PRO A 61 -7.79 10.88 -8.61
CA PRO A 61 -7.46 12.20 -8.08
C PRO A 61 -5.95 12.50 -8.20
N TRP A 62 -5.19 11.55 -8.74
CA TRP A 62 -3.74 11.65 -8.89
C TRP A 62 -3.34 12.85 -9.77
N VAL A 63 -2.28 13.53 -9.38
CA VAL A 63 -1.80 14.68 -10.12
C VAL A 63 -0.45 14.39 -10.72
N LEU A 64 -0.30 14.73 -11.99
CA LEU A 64 0.97 14.56 -12.71
C LEU A 64 1.43 15.90 -13.28
N TYR A 65 2.70 16.23 -13.03
CA TYR A 65 3.36 17.40 -13.60
C TYR A 65 4.51 16.96 -14.50
N HIS A 66 4.58 17.56 -15.69
CA HIS A 66 5.51 17.14 -16.75
C HIS A 66 6.29 18.35 -17.26
N GLY A 67 7.55 18.11 -17.63
CA GLY A 67 8.38 19.11 -18.27
C GLY A 67 9.73 18.55 -18.71
N VAL A 68 10.52 19.39 -19.36
CA VAL A 68 11.89 19.01 -19.73
C VAL A 68 12.86 20.13 -19.27
N HIS A 69 13.88 19.75 -18.51
CA HIS A 69 14.83 20.72 -17.97
C HIS A 69 15.96 21.00 -18.97
N LYS A 70 16.75 19.97 -19.25
CA LYS A 70 17.73 20.06 -20.30
C LYS A 70 17.68 18.77 -21.08
N ASP A 71 18.50 17.82 -20.67
CA ASP A 71 18.49 16.52 -21.32
C ASP A 71 17.61 15.55 -20.55
N LEU A 72 16.77 16.11 -19.67
CA LEU A 72 15.97 15.33 -18.75
C LEU A 72 14.48 15.62 -18.89
N ARG A 73 13.69 14.59 -19.20
CA ARG A 73 12.23 14.67 -19.09
C ARG A 73 11.87 14.46 -17.62
N ILE A 74 11.08 15.38 -17.05
CA ILE A 74 10.75 15.34 -15.61
C ILE A 74 9.26 15.15 -15.31
N ASN A 75 8.96 14.12 -14.51
CA ASN A 75 7.60 13.85 -14.09
C ASN A 75 7.49 13.92 -12.58
N VAL A 76 6.45 14.56 -12.10
CA VAL A 76 6.21 14.61 -10.67
C VAL A 76 4.76 14.18 -10.43
N VAL A 77 4.58 13.12 -9.64
CA VAL A 77 3.25 12.61 -9.38
C VAL A 77 2.85 12.63 -7.92
N CYS A 78 1.61 13.02 -7.70
CA CYS A 78 1.09 13.19 -6.35
C CYS A 78 -0.22 12.41 -6.28
N PRO A 79 -0.48 11.72 -5.13
CA PRO A 79 -1.76 11.00 -5.01
C PRO A 79 -3.00 11.91 -4.84
N GLY A 80 -2.80 13.18 -4.52
CA GLY A 80 -3.88 14.16 -4.69
C GLY A 80 -4.91 14.13 -3.60
N ARG A 81 -6.05 14.79 -3.84
CA ARG A 81 -7.04 15.03 -2.77
C ARG A 81 -7.93 13.81 -2.51
N ASP A 82 -8.04 13.39 -1.25
CA ASP A 82 -9.00 12.35 -0.89
C ASP A 82 -10.41 12.89 -1.07
N ALA A 83 -11.23 12.13 -1.80
CA ALA A 83 -12.63 12.46 -2.09
C ALA A 83 -13.51 12.64 -0.85
N ALA A 84 -13.34 11.75 0.13
CA ALA A 84 -14.17 11.77 1.33
C ALA A 84 -13.86 12.96 2.25
N LEU A 85 -12.56 13.30 2.34
CA LEU A 85 -12.06 14.17 3.40
C LEU A 85 -11.30 15.45 3.00
N GLY A 86 -10.90 15.58 1.75
CA GLY A 86 -10.28 16.84 1.27
C GLY A 86 -8.85 17.11 1.73
N ILE A 87 -8.04 16.05 1.78
CA ILE A 87 -6.65 16.14 2.20
C ILE A 87 -5.80 15.34 1.20
N ASP A 88 -4.48 15.43 1.34
CA ASP A 88 -3.58 14.65 0.46
C ASP A 88 -3.67 13.22 0.92
N SER A 89 -3.68 12.32 -0.06
CA SER A 89 -3.86 10.91 0.18
C SER A 89 -2.54 10.25 0.62
N VAL A 90 -2.19 10.49 1.88
CA VAL A 90 -0.92 10.01 2.44
C VAL A 90 -0.96 8.52 2.71
N GLY A 91 0.19 7.94 3.06
CA GLY A 91 0.22 6.52 3.42
C GLY A 91 0.78 5.65 2.31
N THR A 92 1.09 4.41 2.68
CA THR A 92 1.84 3.52 1.82
C THR A 92 1.01 3.11 0.67
N VAL A 93 -0.30 3.01 0.87
CA VAL A 93 -1.13 2.44 -0.18
C VAL A 93 -1.33 3.35 -1.41
N PRO A 94 -1.76 4.62 -1.22
CA PRO A 94 -1.79 5.56 -2.38
C PRO A 94 -0.43 5.78 -3.09
N ALA A 95 0.64 5.89 -2.30
CA ALA A 95 2.03 5.96 -2.79
C ALA A 95 2.50 4.76 -3.63
N SER A 96 2.06 3.59 -3.26
CA SER A 96 2.42 2.40 -4.00
C SER A 96 1.62 2.34 -5.31
N LEU A 97 0.37 2.73 -5.24
CA LEU A 97 -0.47 2.73 -6.42
C LEU A 97 0.09 3.69 -7.48
N ILE A 98 0.39 4.92 -7.07
CA ILE A 98 0.90 5.93 -7.99
CA ILE A 98 0.91 5.94 -8.01
C ILE A 98 2.33 5.61 -8.48
N THR A 99 3.12 4.93 -7.65
CA THR A 99 4.44 4.50 -8.11
C THR A 99 4.28 3.53 -9.28
N PHE A 100 3.35 2.57 -9.11
CA PHE A 100 3.05 1.51 -10.12
C PHE A 100 2.45 2.08 -11.45
N ALA A 101 1.45 2.92 -11.31
CA ALA A 101 0.81 3.53 -12.48
C ALA A 101 1.82 4.39 -13.21
N SER A 102 2.50 5.28 -12.53
CA SER A 102 3.49 6.12 -13.24
C SER A 102 4.69 5.38 -13.84
N ILE A 103 5.16 4.29 -13.21
CA ILE A 103 6.19 3.46 -13.87
C ILE A 103 5.75 2.83 -15.23
N GLN A 104 4.58 2.19 -15.27
CA GLN A 104 4.04 1.56 -16.50
C GLN A 104 3.66 2.62 -17.53
N ALA A 105 3.12 3.74 -17.08
CA ALA A 105 2.68 4.75 -18.04
C ALA A 105 3.89 5.47 -18.54
N LEU A 106 4.80 5.84 -17.64
CA LEU A 106 5.79 6.89 -17.92
C LEU A 106 7.21 6.37 -18.24
N LYS A 107 7.47 5.14 -17.81
CA LYS A 107 8.71 4.46 -18.12
C LYS A 107 9.94 5.29 -17.77
N PRO A 108 10.06 5.69 -16.48
CA PRO A 108 11.20 6.46 -15.98
C PRO A 108 12.46 5.59 -15.91
N ASP A 109 13.64 6.21 -16.00
CA ASP A 109 14.94 5.56 -15.80
C ASP A 109 15.20 5.38 -14.30
N ILE A 110 14.69 6.33 -13.54
CA ILE A 110 14.93 6.44 -12.12
C ILE A 110 13.72 7.06 -11.40
N ILE A 111 13.48 6.60 -10.17
CA ILE A 111 12.43 7.15 -9.29
C ILE A 111 13.07 7.91 -8.13
N ILE A 112 12.56 9.12 -7.85
CA ILE A 112 12.95 9.83 -6.66
C ILE A 112 11.75 10.09 -5.74
N ASN A 113 11.77 9.47 -4.56
CA ASN A 113 10.81 9.74 -3.50
C ASN A 113 11.33 10.91 -2.67
N ALA A 114 10.76 12.09 -2.90
CA ALA A 114 11.08 13.27 -2.09
C ALA A 114 9.91 13.63 -1.14
N GLY A 115 10.16 14.03 0.10
CA GLY A 115 9.07 14.36 1.03
C GLY A 115 9.69 14.79 2.33
N THR A 116 8.91 15.38 3.24
CA THR A 116 9.41 15.79 4.56
C THR A 116 9.10 14.64 5.48
N CYS A 117 9.85 14.49 6.56
CA CYS A 117 9.56 13.39 7.47
C CYS A 117 10.09 13.63 8.89
N GLY A 118 10.00 12.62 9.75
CA GLY A 118 10.57 12.73 11.12
C GLY A 118 12.00 12.25 11.18
N GLY A 119 12.73 12.67 12.22
CA GLY A 119 14.13 12.31 12.36
C GLY A 119 14.47 12.07 13.80
N PHE A 120 15.53 11.28 14.06
CA PHE A 120 16.02 11.02 15.43
C PHE A 120 17.31 11.79 15.77
N LYS A 121 17.26 12.66 16.76
CA LYS A 121 18.43 13.45 17.09
C LYS A 121 19.57 12.56 17.58
N VAL A 122 19.22 11.47 18.26
CA VAL A 122 20.22 10.55 18.80
CA VAL A 122 20.22 10.55 18.82
C VAL A 122 20.94 9.86 17.66
N LYS A 123 20.37 9.97 16.46
CA LYS A 123 20.89 9.35 15.26
C LYS A 123 21.55 10.43 14.39
N GLY A 124 21.51 11.67 14.86
CA GLY A 124 22.25 12.73 14.25
C GLY A 124 21.45 13.61 13.29
N ALA A 125 20.13 13.46 13.26
CA ALA A 125 19.30 14.27 12.34
C ALA A 125 19.07 15.63 12.94
N ASN A 126 18.97 16.68 12.12
CA ASN A 126 18.62 18.00 12.63
C ASN A 126 17.54 18.64 11.77
N ILE A 127 16.63 19.39 12.37
CA ILE A 127 15.53 20.00 11.60
C ILE A 127 16.12 20.63 10.36
N GLY A 128 15.51 20.37 9.22
CA GLY A 128 15.93 21.03 8.00
C GLY A 128 17.06 20.34 7.26
N ASP A 129 17.67 19.29 7.86
CA ASP A 129 18.53 18.41 7.10
C ASP A 129 17.73 17.73 5.98
N VAL A 130 18.30 17.69 4.76
CA VAL A 130 17.80 16.80 3.70
C VAL A 130 18.72 15.58 3.53
N PHE A 131 18.22 14.41 3.93
CA PHE A 131 18.98 13.17 3.89
C PHE A 131 18.83 12.44 2.59
N LEU A 132 19.90 11.73 2.20
CA LEU A 132 19.81 10.78 1.12
C LEU A 132 19.68 9.45 1.82
N VAL A 133 18.69 8.68 1.42
CA VAL A 133 18.44 7.43 2.16
C VAL A 133 19.34 6.32 1.64
N SER A 134 19.96 5.58 2.58
CA SER A 134 20.80 4.44 2.26
C SER A 134 19.96 3.20 1.97
N ASP A 135 19.04 2.86 2.89
CA ASP A 135 18.10 1.74 2.70
C ASP A 135 16.80 1.97 3.50
N VAL A 136 15.78 1.14 3.28
CA VAL A 136 14.46 1.37 3.90
C VAL A 136 13.86 0.09 4.45
N VAL A 137 13.13 0.25 5.55
CA VAL A 137 12.35 -0.82 6.18
C VAL A 137 10.93 -0.34 6.50
N PHE A 138 10.05 -1.28 6.85
CA PHE A 138 8.75 -0.98 7.46
C PHE A 138 8.87 -1.22 8.96
N HIS A 139 8.18 -0.42 9.79
CA HIS A 139 8.08 -0.72 11.24
C HIS A 139 6.71 -1.26 11.70
N ASP A 140 5.74 -1.38 10.78
CA ASP A 140 4.36 -1.70 11.16
C ASP A 140 3.80 -2.84 10.34
N ARG A 141 4.67 -3.61 9.72
CA ARG A 141 4.19 -4.87 9.18
C ARG A 141 4.81 -6.00 10.02
N ARG A 142 4.24 -6.23 11.17
CA ARG A 142 4.79 -7.23 12.14
C ARG A 142 4.19 -8.61 11.92
N ILE A 143 4.93 -9.52 11.31
CA ILE A 143 4.43 -10.89 11.13
C ILE A 143 5.42 -11.86 11.79
N PRO A 144 5.21 -12.11 13.07
CA PRO A 144 6.14 -12.77 13.98
C PRO A 144 6.25 -14.27 13.78
N ILE A 145 6.49 -14.69 12.53
CA ILE A 145 6.87 -16.07 12.24
C ILE A 145 7.99 -16.14 11.23
N PRO A 146 8.66 -17.29 11.18
CA PRO A 146 9.81 -17.42 10.28
C PRO A 146 9.48 -17.00 8.84
N MET A 147 10.41 -16.29 8.19
CA MET A 147 10.28 -15.87 6.79
C MET A 147 9.17 -14.90 6.42
N PHE A 148 8.18 -14.75 7.30
CA PHE A 148 7.12 -13.74 7.06
C PHE A 148 7.59 -12.50 7.82
N ASP A 149 8.39 -12.70 8.87
CA ASP A 149 8.99 -11.56 9.61
C ASP A 149 9.86 -10.69 8.76
N LEU A 150 10.84 -11.32 8.10
CA LEU A 150 11.70 -10.63 7.15
C LEU A 150 10.91 -9.92 6.03
N TYR A 151 9.91 -10.62 5.49
CA TYR A 151 9.03 -10.07 4.42
C TYR A 151 8.29 -8.83 4.92
N GLY A 152 7.83 -8.92 6.18
CA GLY A 152 7.12 -7.79 6.80
C GLY A 152 8.00 -6.56 6.92
N VAL A 153 9.23 -6.76 7.39
CA VAL A 153 10.22 -5.68 7.55
C VAL A 153 10.56 -5.07 6.18
N GLY A 154 10.67 -5.91 5.16
CA GLY A 154 10.82 -5.46 3.77
C GLY A 154 12.03 -4.58 3.48
N LEU A 155 13.20 -4.96 4.02
CA LEU A 155 14.47 -4.20 3.78
C LEU A 155 14.83 -4.10 2.30
N ARG A 156 14.86 -2.88 1.79
CA ARG A 156 15.25 -2.59 0.41
C ARG A 156 16.37 -1.53 0.33
N GLN A 157 17.35 -1.76 -0.55
CA GLN A 157 18.45 -0.80 -0.70
C GLN A 157 18.06 0.28 -1.69
N ALA A 158 18.38 1.53 -1.37
CA ALA A 158 18.24 2.60 -2.34
C ALA A 158 19.35 2.45 -3.40
N PHE A 159 19.10 2.90 -4.61
CA PHE A 159 20.09 2.85 -5.63
C PHE A 159 21.32 3.68 -5.24
N SER A 160 22.50 3.15 -5.57
CA SER A 160 23.76 3.65 -5.07
C SER A 160 24.19 4.91 -5.77
N THR A 161 24.43 5.99 -5.04
CA THR A 161 24.78 7.24 -5.73
C THR A 161 26.02 7.96 -5.12
N PRO A 162 27.20 7.27 -5.15
CA PRO A 162 28.39 7.77 -4.49
C PRO A 162 28.88 9.13 -4.98
N ASN A 163 28.81 9.39 -6.26
CA ASN A 163 29.25 10.66 -6.79
C ASN A 163 28.36 11.81 -6.33
N LEU A 164 27.07 11.56 -6.32
CA LEU A 164 26.10 12.58 -5.93
C LEU A 164 26.14 12.85 -4.44
N LEU A 165 26.55 11.85 -3.66
CA LEU A 165 26.75 12.03 -2.24
C LEU A 165 27.99 12.84 -1.93
N LYS A 166 29.03 12.62 -2.72
CA LYS A 166 30.24 13.41 -2.71
C LYS A 166 30.05 14.87 -3.13
N GLU A 167 29.31 15.10 -4.19
CA GLU A 167 29.11 16.48 -4.59
C GLU A 167 28.23 17.24 -3.60
N LEU A 168 27.11 16.63 -3.26
CA LEU A 168 26.13 17.29 -2.42
C LEU A 168 26.37 17.17 -0.91
N ASN A 169 27.13 16.16 -0.47
CA ASN A 169 27.48 16.03 0.96
C ASN A 169 26.25 15.99 1.82
N LEU A 170 25.26 15.23 1.38
CA LEU A 170 24.03 15.12 2.11
C LEU A 170 24.27 14.10 3.21
N LYS A 171 23.60 14.27 4.35
CA LYS A 171 23.64 13.22 5.40
C LYS A 171 22.93 11.93 4.90
N ILE A 172 23.30 10.76 5.47
CA ILE A 172 22.76 9.48 5.01
C ILE A 172 22.20 8.71 6.17
N GLY A 173 21.20 7.88 5.93
CA GLY A 173 20.60 7.09 7.00
C GLY A 173 19.60 6.11 6.50
N ARG A 174 19.31 5.08 7.31
CA ARG A 174 18.15 4.19 7.09
C ARG A 174 16.85 4.89 7.39
N LEU A 175 15.87 4.62 6.54
CA LEU A 175 14.53 5.13 6.68
C LEU A 175 13.57 4.01 7.13
N SER A 176 12.68 4.32 8.08
CA SER A 176 11.72 3.36 8.56
C SER A 176 10.30 3.88 8.36
N THR A 177 9.48 3.07 7.69
CA THR A 177 8.14 3.46 7.22
C THR A 177 7.00 2.74 7.94
N GLY A 178 5.92 3.51 8.15
CA GLY A 178 4.65 3.02 8.71
C GLY A 178 3.53 3.99 8.33
N ASP A 179 2.28 3.55 8.42
CA ASP A 179 1.13 4.39 8.03
C ASP A 179 0.60 5.25 9.19
N SER A 180 1.23 5.14 10.37
CA SER A 180 0.93 5.99 11.49
C SER A 180 1.91 7.14 11.59
N LEU A 181 1.35 8.31 11.81
CA LEU A 181 2.11 9.51 12.00
C LEU A 181 2.64 9.66 13.42
N ASP A 182 1.90 9.23 14.44
CA ASP A 182 2.48 9.26 15.79
C ASP A 182 3.48 8.11 15.88
N MET A 183 3.98 7.84 17.08
CA MET A 183 4.86 6.69 17.25
C MET A 183 4.46 5.94 18.52
N SER A 184 3.88 4.76 18.39
CA SER A 184 3.60 3.90 19.54
C SER A 184 4.89 3.33 20.14
N THR A 185 4.83 2.80 21.34
CA THR A 185 5.97 2.10 21.84
C THR A 185 6.32 0.88 20.95
N GLN A 186 5.30 0.20 20.39
CA GLN A 186 5.56 -0.90 19.44
C GLN A 186 6.37 -0.47 18.19
N ASP A 187 5.98 0.64 17.57
CA ASP A 187 6.78 1.25 16.52
C ASP A 187 8.18 1.60 17.00
N GLU A 188 8.28 2.27 18.14
CA GLU A 188 9.56 2.76 18.63
C GLU A 188 10.52 1.60 18.84
N THR A 189 9.99 0.50 19.36
CA THR A 189 10.83 -0.65 19.68
C THR A 189 11.53 -1.14 18.44
N LEU A 190 10.76 -1.31 17.37
CA LEU A 190 11.26 -1.77 16.10
C LEU A 190 12.09 -0.71 15.35
N ILE A 191 11.70 0.56 15.41
CA ILE A 191 12.52 1.63 14.81
C ILE A 191 13.88 1.72 15.49
N ILE A 192 13.94 1.48 16.80
CA ILE A 192 15.22 1.45 17.50
C ILE A 192 16.04 0.23 17.11
N ALA A 193 15.44 -0.95 17.26
CA ALA A 193 16.10 -2.21 16.88
C ALA A 193 16.70 -2.15 15.49
N ASN A 194 15.98 -1.56 14.55
CA ASN A 194 16.45 -1.50 13.16
C ASN A 194 17.38 -0.29 12.76
N ASP A 195 17.72 0.59 13.72
CA ASP A 195 18.74 1.65 13.56
C ASP A 195 18.35 2.75 12.60
N ALA A 196 17.07 3.01 12.49
CA ALA A 196 16.57 3.97 11.51
C ALA A 196 16.96 5.41 11.92
N THR A 197 17.41 6.25 11.01
CA THR A 197 17.61 7.66 11.36
C THR A 197 16.33 8.43 11.06
N LEU A 198 15.55 7.88 10.12
CA LEU A 198 14.37 8.59 9.61
C LEU A 198 13.10 7.75 9.70
N LYS A 199 11.97 8.43 9.81
CA LYS A 199 10.66 7.82 9.91
C LYS A 199 9.74 8.60 8.98
N ASP A 200 9.13 7.92 8.00
CA ASP A 200 8.12 8.53 7.10
C ASP A 200 6.89 7.62 6.96
N MET A 201 6.04 7.95 5.99
CA MET A 201 4.79 7.21 5.77
C MET A 201 4.63 6.56 4.40
N GLU A 202 5.66 6.58 3.55
CA GLU A 202 5.58 6.10 2.11
C GLU A 202 6.76 5.29 1.62
N GLY A 203 7.96 5.78 1.91
CA GLY A 203 9.18 5.37 1.27
C GLY A 203 9.36 3.89 0.98
N ALA A 204 9.24 3.03 2.00
CA ALA A 204 9.44 1.58 1.82
C ALA A 204 8.40 0.94 0.89
N ALA A 205 7.26 1.60 0.70
CA ALA A 205 6.24 1.09 -0.23
C ALA A 205 6.60 1.46 -1.67
N VAL A 206 7.04 2.70 -1.89
CA VAL A 206 7.73 3.09 -3.11
C VAL A 206 8.90 2.14 -3.42
N ALA A 207 9.69 1.79 -2.40
CA ALA A 207 10.85 0.92 -2.64
C ALA A 207 10.39 -0.44 -3.07
N TYR A 208 9.30 -0.93 -2.48
CA TYR A 208 8.67 -2.22 -2.91
C TYR A 208 8.24 -2.23 -4.37
N VAL A 209 7.46 -1.24 -4.75
CA VAL A 209 7.00 -1.18 -6.14
C VAL A 209 8.18 -1.09 -7.11
N ALA A 210 9.09 -0.14 -6.85
CA ALA A 210 10.29 0.07 -7.67
C ALA A 210 11.04 -1.22 -7.86
N ASP A 211 11.16 -1.99 -6.79
CA ASP A 211 11.82 -3.26 -6.86
C ASP A 211 11.06 -4.22 -7.76
N LEU A 212 9.74 -4.36 -7.58
CA LEU A 212 8.95 -5.27 -8.43
C LEU A 212 9.17 -5.00 -9.93
N LEU A 213 9.26 -3.73 -10.28
CA LEU A 213 9.29 -3.30 -11.69
C LEU A 213 10.71 -2.95 -12.12
N LYS A 214 11.67 -3.37 -11.30
CA LYS A 214 13.11 -3.11 -11.45
C LYS A 214 13.52 -1.72 -11.92
N ILE A 215 13.05 -0.68 -11.26
CA ILE A 215 13.50 0.69 -11.53
CA ILE A 215 13.60 0.62 -11.55
C ILE A 215 14.32 1.21 -10.34
N PRO A 216 15.56 1.73 -10.59
CA PRO A 216 16.32 2.41 -9.54
C PRO A 216 15.48 3.44 -8.80
N VAL A 217 15.57 3.38 -7.46
CA VAL A 217 14.90 4.33 -6.55
C VAL A 217 15.91 5.15 -5.64
N VAL A 218 15.73 6.48 -5.60
CA VAL A 218 16.45 7.40 -4.70
CA VAL A 218 16.42 7.25 -4.56
C VAL A 218 15.45 8.07 -3.72
N PHE A 219 15.90 8.45 -2.51
CA PHE A 219 15.07 9.13 -1.54
C PHE A 219 15.76 10.41 -1.08
N LEU A 220 14.98 11.49 -1.04
CA LEU A 220 15.43 12.73 -0.48
C LEU A 220 14.47 13.03 0.65
N LYS A 221 14.90 12.83 1.90
CA LYS A 221 14.02 12.98 3.04
C LYS A 221 14.39 14.20 3.92
N ALA A 222 13.51 15.21 3.90
CA ALA A 222 13.71 16.48 4.61
C ALA A 222 13.11 16.36 6.00
N VAL A 223 13.91 16.61 7.05
CA VAL A 223 13.47 16.44 8.42
CA VAL A 223 13.44 16.42 8.41
C VAL A 223 12.73 17.66 8.98
N THR A 224 11.45 17.51 9.30
CA THR A 224 10.61 18.64 9.79
C THR A 224 10.51 18.62 11.30
N ASP A 225 10.71 17.44 11.89
CA ASP A 225 10.58 17.31 13.33
C ASP A 225 11.45 16.19 13.86
N LEU A 226 11.72 16.25 15.16
CA LEU A 226 12.61 15.30 15.80
C LEU A 226 11.72 14.50 16.70
N VAL A 227 11.51 13.26 16.30
CA VAL A 227 10.61 12.35 16.97
C VAL A 227 11.00 12.33 18.44
N ASP A 228 12.29 12.37 18.70
CA ASP A 228 12.83 12.29 20.07
C ASP A 228 13.33 13.65 20.58
N GLY A 229 12.77 14.73 20.05
CA GLY A 229 13.15 16.08 20.43
C GLY A 229 12.05 16.95 21.03
N ASP A 230 12.44 18.16 21.37
CA ASP A 230 11.56 19.14 22.02
C ASP A 230 10.52 19.67 21.03
N LYS A 231 9.37 20.05 21.56
CA LYS A 231 8.35 20.70 20.76
C LYS A 231 8.82 22.09 20.30
N PRO A 232 8.46 22.49 19.08
CA PRO A 232 8.98 23.72 18.46
C PRO A 232 8.48 24.97 19.21
N THR A 233 9.27 26.04 19.24
CA THR A 233 8.81 27.31 19.86
C THR A 233 7.68 27.98 19.04
N ALA A 234 7.19 29.13 19.50
CA ALA A 234 6.11 29.85 18.84
C ALA A 234 6.42 30.11 17.36
N GLU A 235 7.53 30.81 17.11
CA GLU A 235 7.96 31.17 15.76
C GLU A 235 8.43 29.97 14.93
N GLU A 236 9.00 28.97 15.63
CA GLU A 236 9.56 27.79 14.98
C GLU A 236 8.64 27.03 14.03
N PHE A 237 7.62 26.33 14.52
CA PHE A 237 6.78 25.60 13.53
C PHE A 237 5.94 26.56 12.67
N LEU A 238 5.87 27.83 13.08
CA LEU A 238 5.29 28.87 12.22
C LEU A 238 6.06 28.96 10.90
N GLN A 239 7.41 29.01 10.99
CA GLN A 239 8.32 29.05 9.84
C GLN A 239 8.71 27.65 9.32
N ASN A 240 8.66 26.66 10.21
CA ASN A 240 9.32 25.38 10.02
C ASN A 240 9.03 24.63 8.72
N LEU A 241 7.75 24.53 8.36
CA LEU A 241 7.37 23.80 7.15
C LEU A 241 7.89 24.49 5.89
N THR A 242 7.57 25.78 5.76
CA THR A 242 8.08 26.60 4.68
C THR A 242 9.60 26.51 4.52
N VAL A 243 10.33 26.60 5.63
CA VAL A 243 11.79 26.56 5.57
C VAL A 243 12.31 25.17 5.22
N VAL A 244 11.69 24.12 5.77
CA VAL A 244 12.18 22.77 5.48
C VAL A 244 11.85 22.31 4.06
N THR A 245 10.72 22.76 3.53
N THR A 245 10.73 22.80 3.53
CA THR A 245 10.32 22.44 2.15
CA THR A 245 10.28 22.47 2.17
C THR A 245 11.20 23.17 1.13
C THR A 245 11.10 23.22 1.11
N ALA A 246 11.61 24.39 1.47
CA ALA A 246 12.51 25.13 0.59
C ALA A 246 13.86 24.39 0.55
N ALA A 247 14.29 23.93 1.71
CA ALA A 247 15.49 23.13 1.81
C ALA A 247 15.36 21.88 0.95
N LEU A 248 14.19 21.24 0.97
CA LEU A 248 13.96 20.06 0.14
C LEU A 248 13.99 20.39 -1.37
N GLU A 249 13.29 21.45 -1.79
CA GLU A 249 13.32 21.82 -3.21
C GLU A 249 14.74 22.13 -3.68
N GLY A 250 15.51 22.83 -2.84
CA GLY A 250 16.87 23.22 -3.18
C GLY A 250 17.78 22.03 -3.44
N THR A 251 17.62 20.98 -2.64
CA THR A 251 18.40 19.75 -2.80
C THR A 251 17.92 18.95 -4.00
N ALA A 252 16.61 18.99 -4.26
CA ALA A 252 16.02 18.28 -5.42
C ALA A 252 16.46 18.91 -6.73
N THR A 253 16.60 20.22 -6.73
CA THR A 253 17.16 20.93 -7.87
C THR A 253 18.56 20.47 -8.23
N LYS A 254 19.42 20.39 -7.22
CA LYS A 254 20.82 20.01 -7.38
C LYS A 254 20.97 18.54 -7.79
N VAL A 255 20.10 17.69 -7.29
CA VAL A 255 20.05 16.27 -7.75
C VAL A 255 19.75 16.27 -9.26
N ILE A 256 18.71 16.98 -9.68
CA ILE A 256 18.35 16.97 -11.11
C ILE A 256 19.48 17.46 -11.99
N ASN A 257 20.05 18.62 -11.67
CA ASN A 257 21.23 19.10 -12.39
C ASN A 257 22.41 18.16 -12.44
N PHE A 258 22.64 17.44 -11.35
CA PHE A 258 23.73 16.46 -11.26
C PHE A 258 23.47 15.29 -12.17
N ILE A 259 22.30 14.70 -12.01
CA ILE A 259 21.80 13.60 -12.84
C ILE A 259 21.89 13.88 -14.34
N ASN A 260 21.46 15.08 -14.72
CA ASN A 260 21.48 15.54 -16.09
C ASN A 260 22.78 15.17 -16.78
N GLY A 261 22.69 14.45 -17.89
CA GLY A 261 23.85 14.04 -18.67
C GLY A 261 24.58 12.78 -18.20
N ARG A 262 24.15 12.21 -17.08
CA ARG A 262 24.91 11.11 -16.49
C ARG A 262 24.22 9.80 -16.76
N ASN A 263 25.01 8.73 -16.76
CA ASN A 263 24.54 7.34 -16.76
C ASN A 263 24.27 6.93 -15.35
N LEU A 264 23.39 5.94 -15.18
CA LEU A 264 23.08 5.41 -13.87
C LEU A 264 24.34 5.00 -13.13
N SER A 265 25.31 4.43 -13.86
CA SER A 265 26.56 4.00 -13.25
C SER A 265 27.45 5.17 -12.83
N ASP A 266 27.13 6.38 -13.26
CA ASP A 266 27.98 7.56 -13.07
C ASP A 266 27.47 8.40 -11.94
N LEU A 267 26.50 7.85 -11.22
CA LEU A 267 25.67 8.60 -10.27
C LEU A 267 26.27 8.65 -8.85
N ARG B 24 -28.38 -4.11 -16.27
CA ARG B 24 -27.86 -5.27 -17.06
C ARG B 24 -27.21 -6.29 -16.13
N PRO B 25 -27.14 -7.59 -16.56
CA PRO B 25 -26.57 -8.62 -15.69
C PRO B 25 -25.09 -8.45 -15.43
N ILE B 26 -24.67 -8.83 -14.22
CA ILE B 26 -23.27 -8.98 -13.86
C ILE B 26 -22.65 -10.06 -14.75
N SER B 27 -21.50 -9.74 -15.35
CA SER B 27 -20.89 -10.61 -16.36
C SER B 27 -19.49 -11.00 -15.97
N SER B 28 -18.87 -10.20 -15.11
CA SER B 28 -17.46 -10.37 -14.73
C SER B 28 -17.21 -10.17 -13.22
N VAL B 29 -16.71 -11.21 -12.56
CA VAL B 29 -16.26 -11.10 -11.18
C VAL B 29 -14.76 -11.42 -10.98
N VAL B 30 -14.07 -10.61 -10.15
CA VAL B 30 -12.68 -10.84 -9.77
C VAL B 30 -12.57 -11.11 -8.29
N PHE B 31 -11.98 -12.27 -7.94
CA PHE B 31 -11.56 -12.57 -6.57
C PHE B 31 -10.16 -12.03 -6.36
N VAL B 32 -9.99 -11.26 -5.28
CA VAL B 32 -8.69 -10.87 -4.78
C VAL B 32 -8.40 -11.82 -3.58
N ILE B 33 -7.38 -12.67 -3.71
CA ILE B 33 -7.06 -13.62 -2.66
C ILE B 33 -5.56 -13.56 -2.30
N ALA B 34 -5.25 -13.36 -1.02
CA ALA B 34 -3.89 -12.96 -0.63
C ALA B 34 -2.94 -14.17 -0.66
N MET B 35 -3.50 -15.32 -0.38
CA MET B 35 -2.67 -16.50 -0.24
C MET B 35 -3.07 -17.54 -1.27
N GLN B 36 -2.05 -18.07 -1.95
CA GLN B 36 -2.19 -19.31 -2.76
C GLN B 36 -3.09 -20.42 -2.16
N ALA B 37 -2.81 -20.81 -0.93
CA ALA B 37 -3.56 -21.90 -0.30
C ALA B 37 -5.07 -21.61 -0.19
N GLU B 38 -5.44 -20.33 -0.08
CA GLU B 38 -6.84 -19.90 -0.04
C GLU B 38 -7.47 -19.95 -1.43
N ALA B 39 -6.63 -19.83 -2.45
CA ALA B 39 -7.08 -19.64 -3.83
C ALA B 39 -7.31 -20.96 -4.57
N LEU B 40 -6.41 -21.92 -4.35
CA LEU B 40 -6.39 -23.16 -5.10
C LEU B 40 -7.71 -23.96 -5.04
N PRO B 41 -8.28 -24.14 -3.83
CA PRO B 41 -9.59 -24.77 -3.77
C PRO B 41 -10.64 -24.20 -4.75
N LEU B 42 -10.76 -22.87 -4.82
CA LEU B 42 -11.68 -22.21 -5.78
C LEU B 42 -11.26 -22.36 -7.23
N VAL B 43 -9.95 -22.35 -7.47
CA VAL B 43 -9.39 -22.59 -8.79
C VAL B 43 -9.88 -23.94 -9.26
N ASN B 44 -9.65 -25.00 -8.47
CA ASN B 44 -10.06 -26.36 -8.87
C ASN B 44 -11.58 -26.51 -9.01
N LYS B 45 -12.32 -26.02 -8.01
CA LYS B 45 -13.78 -26.12 -8.03
C LYS B 45 -14.37 -25.58 -9.33
N PHE B 46 -13.87 -24.42 -9.79
CA PHE B 46 -14.35 -23.87 -11.08
C PHE B 46 -13.54 -24.23 -12.33
N GLY B 47 -12.57 -25.13 -12.20
CA GLY B 47 -11.64 -25.49 -13.28
C GLY B 47 -11.09 -24.27 -14.01
N LEU B 48 -10.56 -23.32 -13.27
CA LEU B 48 -9.95 -22.13 -13.86
C LEU B 48 -8.54 -22.52 -14.24
N SER B 49 -7.99 -21.82 -15.23
CA SER B 49 -6.64 -22.10 -15.77
C SER B 49 -5.73 -21.00 -15.37
N GLU B 50 -4.49 -21.34 -15.00
CA GLU B 50 -3.48 -20.32 -14.72
C GLU B 50 -3.08 -19.51 -15.95
N THR B 51 -3.29 -18.19 -15.89
CA THR B 51 -2.89 -17.25 -16.93
C THR B 51 -1.38 -17.31 -17.14
N THR B 52 -0.95 -17.35 -18.40
CA THR B 52 0.48 -17.55 -18.74
C THR B 52 1.15 -16.28 -19.32
N ASP B 53 0.34 -15.30 -19.72
CA ASP B 53 0.87 -14.17 -20.46
C ASP B 53 1.22 -12.90 -19.67
N SER B 54 1.05 -12.92 -18.34
CA SER B 54 1.48 -11.80 -17.46
C SER B 54 0.82 -10.47 -17.83
N PRO B 55 -0.50 -10.46 -17.96
CA PRO B 55 -1.19 -9.33 -18.56
C PRO B 55 -1.05 -8.06 -17.72
N LEU B 56 -0.85 -8.24 -16.42
CA LEU B 56 -0.80 -7.13 -15.48
C LEU B 56 0.56 -6.42 -15.47
N GLY B 57 1.57 -7.13 -15.96
CA GLY B 57 2.90 -6.58 -16.12
C GLY B 57 3.96 -7.66 -16.23
N LYS B 58 4.82 -7.48 -17.21
CA LYS B 58 6.06 -8.23 -17.28
C LYS B 58 6.79 -8.20 -15.95
N GLY B 59 6.93 -9.38 -15.36
CA GLY B 59 8.04 -9.64 -14.48
C GLY B 59 7.66 -9.60 -13.01
N LEU B 60 6.36 -9.58 -12.75
CA LEU B 60 5.86 -9.52 -11.40
C LEU B 60 5.55 -10.92 -10.91
N PRO B 61 5.42 -11.09 -9.60
CA PRO B 61 5.11 -12.41 -9.05
C PRO B 61 3.62 -12.71 -9.04
N TRP B 62 2.80 -11.77 -9.51
CA TRP B 62 1.35 -11.90 -9.41
C TRP B 62 0.77 -13.15 -10.13
N VAL B 63 -0.23 -13.78 -9.53
CA VAL B 63 -0.79 -15.01 -10.09
C VAL B 63 -2.25 -14.77 -10.48
N LEU B 64 -2.63 -15.25 -11.65
CA LEU B 64 -3.97 -15.04 -12.18
C LEU B 64 -4.52 -16.30 -12.82
N TYR B 65 -5.70 -16.71 -12.37
CA TYR B 65 -6.41 -17.86 -12.89
C TYR B 65 -7.68 -17.36 -13.54
N HIS B 66 -8.00 -17.95 -14.68
CA HIS B 66 -9.11 -17.44 -15.47
C HIS B 66 -10.03 -18.56 -15.88
N GLY B 67 -11.28 -18.19 -16.12
CA GLY B 67 -12.32 -19.13 -16.51
C GLY B 67 -13.63 -18.44 -16.82
N VAL B 68 -14.67 -19.26 -16.92
CA VAL B 68 -16.04 -18.81 -17.11
C VAL B 68 -16.94 -19.87 -16.47
N HIS B 69 -17.97 -19.45 -15.76
CA HIS B 69 -18.79 -20.40 -15.01
C HIS B 69 -20.10 -20.78 -15.66
N LYS B 70 -20.93 -19.77 -15.85
CA LYS B 70 -22.08 -19.90 -16.71
C LYS B 70 -22.25 -18.66 -17.54
N ASP B 71 -22.80 -17.64 -16.93
CA ASP B 71 -22.89 -16.33 -17.54
C ASP B 71 -21.66 -15.52 -17.18
N LEU B 72 -20.89 -15.99 -16.20
CA LEU B 72 -19.91 -15.16 -15.53
C LEU B 72 -18.48 -15.38 -15.98
N ARG B 73 -17.77 -14.30 -16.29
CA ARG B 73 -16.33 -14.40 -16.40
C ARG B 73 -15.79 -14.46 -14.97
N ILE B 74 -14.93 -15.44 -14.72
CA ILE B 74 -14.30 -15.53 -13.42
C ILE B 74 -12.80 -15.33 -13.51
N ASN B 75 -12.28 -14.45 -12.65
CA ASN B 75 -10.81 -14.27 -12.45
C ASN B 75 -10.47 -14.21 -10.98
N VAL B 76 -9.44 -14.97 -10.61
CA VAL B 76 -8.83 -15.00 -9.27
C VAL B 76 -7.37 -14.47 -9.31
N VAL B 77 -7.12 -13.30 -8.72
CA VAL B 77 -5.76 -12.66 -8.69
C VAL B 77 -5.11 -12.72 -7.30
N CYS B 78 -3.88 -13.21 -7.26
CA CYS B 78 -3.06 -13.33 -6.04
C CYS B 78 -1.74 -12.59 -6.20
N PRO B 79 -1.20 -12.05 -5.09
CA PRO B 79 0.06 -11.26 -5.17
C PRO B 79 1.35 -12.09 -5.32
N GLY B 80 1.24 -13.41 -5.22
CA GLY B 80 2.33 -14.29 -5.58
C GLY B 80 3.39 -14.44 -4.51
N ARG B 81 4.37 -15.27 -4.81
CA ARG B 81 5.49 -15.58 -3.98
C ARG B 81 6.46 -14.40 -4.03
N ASP B 82 6.85 -13.91 -2.86
CA ASP B 82 7.87 -12.89 -2.74
C ASP B 82 9.13 -13.38 -3.43
N ALA B 83 9.63 -12.56 -4.38
CA ALA B 83 10.88 -12.85 -5.10
C ALA B 83 12.11 -13.03 -4.21
N ALA B 84 12.22 -12.24 -3.15
CA ALA B 84 13.32 -12.41 -2.17
C ALA B 84 13.12 -13.61 -1.23
N LEU B 85 11.91 -13.77 -0.68
CA LEU B 85 11.72 -14.67 0.46
C LEU B 85 10.90 -15.95 0.19
N GLY B 86 10.18 -15.98 -0.93
CA GLY B 86 9.49 -17.17 -1.38
C GLY B 86 8.22 -17.58 -0.64
N ILE B 87 7.54 -16.60 -0.01
CA ILE B 87 6.24 -16.80 0.62
C ILE B 87 5.21 -15.78 0.09
N ASP B 88 3.95 -15.96 0.49
CA ASP B 88 2.85 -15.24 -0.08
C ASP B 88 3.07 -13.77 0.22
N SER B 89 2.87 -12.92 -0.79
CA SER B 89 3.08 -11.52 -0.59
C SER B 89 1.87 -10.85 0.01
N VAL B 90 1.71 -11.07 1.30
CA VAL B 90 0.55 -10.62 2.07
C VAL B 90 0.56 -9.10 2.41
N GLY B 91 -0.51 -8.63 3.03
CA GLY B 91 -0.62 -7.29 3.55
C GLY B 91 -1.24 -6.32 2.56
N THR B 92 -1.29 -5.04 2.93
CA THR B 92 -2.13 -4.04 2.21
C THR B 92 -1.64 -3.62 0.85
N VAL B 93 -0.33 -3.40 0.73
CA VAL B 93 0.27 -2.93 -0.53
C VAL B 93 0.15 -3.91 -1.70
N PRO B 94 0.65 -5.17 -1.54
CA PRO B 94 0.33 -6.13 -2.58
C PRO B 94 -1.19 -6.22 -2.95
N ALA B 95 -2.07 -6.47 -1.98
CA ALA B 95 -3.53 -6.44 -2.21
C ALA B 95 -3.95 -5.26 -3.07
N SER B 96 -3.53 -4.08 -2.66
CA SER B 96 -4.02 -2.86 -3.26
C SER B 96 -3.50 -2.76 -4.69
N LEU B 97 -2.26 -3.23 -4.92
CA LEU B 97 -1.69 -3.29 -6.28
C LEU B 97 -2.47 -4.19 -7.28
N ILE B 98 -2.68 -5.45 -6.89
CA ILE B 98 -3.42 -6.41 -7.69
C ILE B 98 -4.90 -6.03 -7.88
N THR B 99 -5.48 -5.31 -6.93
CA THR B 99 -6.88 -4.94 -7.05
C THR B 99 -6.94 -3.91 -8.17
N PHE B 100 -6.02 -2.95 -8.12
CA PHE B 100 -5.99 -1.88 -9.11
C PHE B 100 -5.68 -2.40 -10.48
N ALA B 101 -4.65 -3.23 -10.56
CA ALA B 101 -4.19 -3.69 -11.84
C ALA B 101 -5.23 -4.60 -12.50
N SER B 102 -5.84 -5.49 -11.72
CA SER B 102 -6.86 -6.36 -12.29
C SER B 102 -8.15 -5.64 -12.68
N ILE B 103 -8.57 -4.63 -11.91
CA ILE B 103 -9.73 -3.79 -12.30
C ILE B 103 -9.48 -3.12 -13.65
N GLN B 104 -8.28 -2.56 -13.83
CA GLN B 104 -7.92 -1.84 -15.06
C GLN B 104 -7.76 -2.78 -16.27
N ALA B 105 -7.25 -3.98 -16.04
CA ALA B 105 -7.09 -4.94 -17.13
C ALA B 105 -8.43 -5.53 -17.54
N LEU B 106 -9.22 -5.96 -16.56
CA LEU B 106 -10.37 -6.84 -16.85
C LEU B 106 -11.73 -6.11 -16.86
N LYS B 107 -11.77 -4.93 -16.25
CA LYS B 107 -13.04 -4.23 -15.99
C LYS B 107 -14.17 -5.16 -15.47
N PRO B 108 -13.98 -5.74 -14.26
CA PRO B 108 -15.03 -6.54 -13.64
C PRO B 108 -16.19 -5.68 -13.15
N ASP B 109 -17.36 -6.30 -13.06
CA ASP B 109 -18.54 -5.67 -12.51
C ASP B 109 -18.46 -5.56 -11.00
N ILE B 110 -17.80 -6.53 -10.40
CA ILE B 110 -17.76 -6.64 -8.96
C ILE B 110 -16.46 -7.32 -8.55
N ILE B 111 -15.97 -6.98 -7.36
CA ILE B 111 -14.78 -7.59 -6.77
C ILE B 111 -15.20 -8.37 -5.55
N ILE B 112 -14.60 -9.54 -5.34
CA ILE B 112 -14.79 -10.26 -4.09
C ILE B 112 -13.43 -10.49 -3.46
N ASN B 113 -13.23 -9.96 -2.25
CA ASN B 113 -12.03 -10.27 -1.47
C ASN B 113 -12.32 -11.48 -0.59
N ALA B 114 -11.63 -12.58 -0.84
CA ALA B 114 -11.86 -13.79 -0.11
C ALA B 114 -10.59 -14.20 0.60
N GLY B 115 -10.71 -14.62 1.85
CA GLY B 115 -9.55 -15.07 2.58
C GLY B 115 -9.91 -15.46 3.98
N THR B 116 -8.92 -16.01 4.68
CA THR B 116 -8.96 -16.28 6.11
C THR B 116 -8.60 -15.04 6.92
N CYS B 117 -9.07 -15.02 8.18
CA CYS B 117 -8.86 -13.91 9.14
C CYS B 117 -9.03 -14.40 10.58
N GLY B 118 -8.78 -13.48 11.53
CA GLY B 118 -9.09 -13.69 12.94
C GLY B 118 -10.46 -13.14 13.29
N GLY B 119 -11.07 -13.73 14.31
CA GLY B 119 -12.37 -13.27 14.72
C GLY B 119 -12.41 -13.11 16.21
N PHE B 120 -13.31 -12.25 16.67
CA PHE B 120 -13.57 -12.08 18.08
C PHE B 120 -14.70 -12.96 18.57
N LYS B 121 -14.35 -13.82 19.52
CA LYS B 121 -15.22 -14.85 20.07
C LYS B 121 -16.37 -14.20 20.83
N VAL B 122 -16.06 -13.10 21.52
CA VAL B 122 -17.06 -12.42 22.30
C VAL B 122 -18.03 -11.67 21.39
N LYS B 123 -17.63 -11.52 20.12
CA LYS B 123 -18.44 -10.88 19.09
C LYS B 123 -19.28 -11.91 18.28
N GLY B 124 -19.16 -13.19 18.67
CA GLY B 124 -19.97 -14.24 18.06
C GLY B 124 -19.33 -14.99 16.91
N ALA B 125 -18.07 -14.65 16.59
CA ALA B 125 -17.30 -15.42 15.62
C ALA B 125 -16.82 -16.75 16.21
N ASN B 126 -16.78 -17.80 15.38
CA ASN B 126 -16.26 -19.11 15.77
C ASN B 126 -15.38 -19.63 14.66
N ILE B 127 -14.40 -20.45 15.02
CA ILE B 127 -13.57 -21.13 14.04
C ILE B 127 -14.47 -21.79 13.00
N GLY B 128 -14.15 -21.60 11.71
CA GLY B 128 -14.91 -22.24 10.61
C GLY B 128 -15.93 -21.34 9.92
N ASP B 129 -16.28 -20.24 10.58
CA ASP B 129 -17.32 -19.33 10.14
C ASP B 129 -16.90 -18.56 8.91
N VAL B 130 -17.72 -18.52 7.87
CA VAL B 130 -17.45 -17.63 6.76
C VAL B 130 -18.43 -16.44 6.78
N PHE B 131 -17.89 -15.27 7.16
CA PHE B 131 -18.65 -14.02 7.28
C PHE B 131 -18.69 -13.30 5.96
N LEU B 132 -19.87 -12.72 5.67
CA LEU B 132 -19.94 -11.55 4.82
C LEU B 132 -19.39 -10.40 5.67
N VAL B 133 -19.19 -9.23 5.08
CA VAL B 133 -18.63 -8.11 5.80
C VAL B 133 -19.52 -6.93 5.50
N SER B 134 -19.95 -6.23 6.53
CA SER B 134 -20.86 -5.10 6.36
C SER B 134 -20.08 -3.86 5.91
N ASP B 135 -19.08 -3.50 6.72
CA ASP B 135 -18.13 -2.48 6.36
C ASP B 135 -16.74 -2.73 6.96
N VAL B 136 -15.79 -1.89 6.57
CA VAL B 136 -14.39 -2.19 6.81
C VAL B 136 -13.65 -0.92 7.26
N VAL B 137 -12.74 -1.10 8.22
CA VAL B 137 -11.85 -0.05 8.66
C VAL B 137 -10.38 -0.51 8.74
N PHE B 138 -9.49 0.47 8.88
CA PHE B 138 -8.08 0.22 9.19
C PHE B 138 -7.89 0.41 10.68
N HIS B 139 -7.06 -0.42 11.31
CA HIS B 139 -6.64 -0.20 12.69
C HIS B 139 -5.21 0.32 12.92
N ASP B 140 -4.34 0.20 11.93
CA ASP B 140 -2.95 0.64 12.05
C ASP B 140 -2.60 1.88 11.20
N ARG B 141 -3.56 2.77 10.94
CA ARG B 141 -3.23 4.01 10.27
C ARG B 141 -3.68 5.22 11.12
N ARG B 142 -2.85 5.57 12.10
CA ARG B 142 -3.18 6.56 13.13
C ARG B 142 -2.55 7.90 12.78
N ILE B 143 -3.37 8.87 12.35
CA ILE B 143 -2.89 10.21 11.99
C ILE B 143 -3.68 11.23 12.83
N PRO B 144 -3.12 11.64 13.99
CA PRO B 144 -3.72 12.60 14.95
C PRO B 144 -3.86 14.05 14.42
N ILE B 145 -4.37 14.19 13.21
CA ILE B 145 -4.67 15.50 12.65
C ILE B 145 -6.13 15.40 12.28
N PRO B 146 -6.88 16.49 12.51
CA PRO B 146 -8.29 16.56 12.10
C PRO B 146 -8.44 16.19 10.61
N MET B 147 -9.44 15.37 10.30
CA MET B 147 -9.72 14.93 8.92
C MET B 147 -8.76 13.87 8.38
N PHE B 148 -7.60 13.72 9.05
CA PHE B 148 -6.58 12.76 8.63
C PHE B 148 -6.85 11.53 9.44
N ASP B 149 -7.25 11.74 10.69
CA ASP B 149 -7.77 10.65 11.54
C ASP B 149 -8.83 9.76 10.85
N LEU B 150 -9.86 10.39 10.26
CA LEU B 150 -10.95 9.64 9.65
C LEU B 150 -10.43 8.96 8.39
N TYR B 151 -9.47 9.59 7.75
CA TYR B 151 -8.85 9.05 6.53
C TYR B 151 -8.01 7.77 6.84
N GLY B 152 -7.19 7.84 7.88
CA GLY B 152 -6.45 6.66 8.32
C GLY B 152 -7.38 5.49 8.57
N VAL B 153 -8.45 5.71 9.35
CA VAL B 153 -9.45 4.67 9.68
C VAL B 153 -10.12 4.09 8.41
N GLY B 154 -10.45 4.96 7.47
CA GLY B 154 -10.92 4.56 6.17
C GLY B 154 -12.17 3.71 6.19
N LEU B 155 -13.17 4.14 6.94
CA LEU B 155 -14.47 3.48 6.98
C LEU B 155 -15.12 3.48 5.62
N ARG B 156 -15.34 2.28 5.10
CA ARG B 156 -16.01 2.11 3.82
C ARG B 156 -17.06 1.00 3.96
N GLN B 157 -18.20 1.20 3.30
CA GLN B 157 -19.30 0.23 3.31
C GLN B 157 -19.07 -0.81 2.22
N ALA B 158 -19.15 -2.10 2.57
CA ALA B 158 -19.23 -3.18 1.57
C ALA B 158 -20.43 -2.97 0.67
N PHE B 159 -20.35 -3.44 -0.57
CA PHE B 159 -21.49 -3.31 -1.43
C PHE B 159 -22.67 -4.12 -0.82
N SER B 160 -23.85 -3.51 -0.81
CA SER B 160 -25.04 -4.09 -0.18
C SER B 160 -25.63 -5.31 -0.94
N THR B 161 -25.53 -6.48 -0.33
CA THR B 161 -26.11 -7.72 -0.88
C THR B 161 -27.09 -8.44 0.10
N PRO B 162 -28.26 -7.82 0.36
CA PRO B 162 -29.23 -8.32 1.36
C PRO B 162 -29.82 -9.70 1.03
N ASN B 163 -30.04 -9.93 -0.25
CA ASN B 163 -30.67 -11.16 -0.67
C ASN B 163 -29.68 -12.32 -0.59
N LEU B 164 -28.42 -12.04 -0.87
CA LEU B 164 -27.36 -13.04 -0.80
C LEU B 164 -27.16 -13.52 0.63
N LEU B 165 -27.07 -12.55 1.54
CA LEU B 165 -27.01 -12.72 2.97
C LEU B 165 -28.17 -13.55 3.48
N LYS B 166 -29.36 -13.16 3.04
CA LYS B 166 -30.59 -13.84 3.38
C LYS B 166 -30.54 -15.28 2.88
N GLU B 167 -30.33 -15.45 1.58
CA GLU B 167 -30.45 -16.79 1.00
C GLU B 167 -29.36 -17.78 1.42
N LEU B 168 -28.14 -17.27 1.60
CA LEU B 168 -27.00 -18.08 1.93
C LEU B 168 -26.89 -18.22 3.42
N ASN B 169 -27.56 -17.31 4.15
CA ASN B 169 -27.60 -17.34 5.60
C ASN B 169 -26.19 -17.22 6.11
N LEU B 170 -25.59 -16.09 5.81
CA LEU B 170 -24.22 -15.84 6.24
C LEU B 170 -24.16 -14.94 7.45
N LYS B 171 -23.23 -15.22 8.38
CA LYS B 171 -22.91 -14.24 9.45
C LYS B 171 -22.38 -12.93 8.87
N ILE B 172 -22.61 -11.85 9.56
CA ILE B 172 -22.13 -10.58 9.06
C ILE B 172 -21.47 -9.78 10.17
N GLY B 173 -20.50 -8.97 9.82
CA GLY B 173 -19.86 -8.08 10.77
C GLY B 173 -18.84 -7.17 10.12
N ARG B 174 -18.44 -6.14 10.87
CA ARG B 174 -17.35 -5.22 10.48
C ARG B 174 -15.98 -5.87 10.54
N LEU B 175 -15.20 -5.59 9.49
CA LEU B 175 -13.81 -6.04 9.36
C LEU B 175 -12.79 -4.88 9.61
N SER B 176 -11.82 -5.13 10.46
CA SER B 176 -10.72 -4.16 10.74
C SER B 176 -9.39 -4.70 10.11
N THR B 177 -8.71 -3.86 9.34
CA THR B 177 -7.50 -4.24 8.57
C THR B 177 -6.21 -3.55 9.05
N GLY B 178 -5.11 -4.29 9.05
CA GLY B 178 -3.78 -3.73 9.30
C GLY B 178 -2.71 -4.72 8.85
N ASP B 179 -1.46 -4.27 8.77
CA ASP B 179 -0.42 -5.10 8.16
C ASP B 179 0.29 -6.07 9.09
N SER B 180 -0.18 -6.16 10.31
CA SER B 180 0.46 -7.07 11.28
C SER B 180 -0.47 -8.26 11.60
N LEU B 181 0.12 -9.40 11.94
CA LEU B 181 -0.63 -10.61 12.27
C LEU B 181 -0.89 -10.60 13.78
N ASP B 182 0.05 -10.01 14.53
CA ASP B 182 -0.17 -9.84 15.96
C ASP B 182 -1.09 -8.64 16.23
N MET B 183 -1.29 -8.33 17.49
CA MET B 183 -2.12 -7.18 17.87
C MET B 183 -1.44 -6.36 18.95
N SER B 184 -1.06 -5.14 18.59
CA SER B 184 -0.50 -4.24 19.56
C SER B 184 -1.64 -3.60 20.35
N THR B 185 -1.27 -2.97 21.47
CA THR B 185 -2.22 -2.29 22.34
C THR B 185 -3.09 -1.25 21.64
N GLN B 186 -2.47 -0.40 20.84
N GLN B 186 -2.42 -0.41 20.85
CA GLN B 186 -3.25 0.65 20.17
CA GLN B 186 -3.09 0.64 20.09
C GLN B 186 -3.97 0.07 18.96
C GLN B 186 -4.01 0.01 19.08
N ASP B 187 -3.58 -1.13 18.54
CA ASP B 187 -4.33 -1.86 17.52
C ASP B 187 -5.68 -2.26 18.11
N GLU B 188 -5.60 -2.92 19.28
CA GLU B 188 -6.77 -3.39 20.02
C GLU B 188 -7.72 -2.22 20.26
N THR B 189 -7.15 -1.11 20.71
CA THR B 189 -7.93 0.06 21.04
C THR B 189 -8.85 0.50 19.91
N LEU B 190 -8.34 0.48 18.68
CA LEU B 190 -9.10 0.91 17.50
C LEU B 190 -10.07 -0.20 17.04
N ILE B 191 -9.65 -1.46 17.20
CA ILE B 191 -10.47 -2.59 16.79
C ILE B 191 -11.71 -2.62 17.67
N ILE B 192 -11.51 -2.43 18.97
CA ILE B 192 -12.60 -2.34 19.96
C ILE B 192 -13.48 -1.10 19.75
N ALA B 193 -12.87 0.05 19.46
CA ALA B 193 -13.60 1.29 19.24
C ALA B 193 -14.44 1.23 17.98
N ASN B 194 -13.98 0.44 17.01
CA ASN B 194 -14.69 0.33 15.74
C ASN B 194 -15.61 -0.88 15.68
N ASP B 195 -15.68 -1.57 16.82
CA ASP B 195 -16.64 -2.67 17.03
C ASP B 195 -16.46 -3.77 15.97
N ALA B 196 -15.21 -4.11 15.69
CA ALA B 196 -14.95 -5.07 14.66
C ALA B 196 -15.22 -6.48 15.16
N THR B 197 -15.76 -7.32 14.28
CA THR B 197 -15.91 -8.74 14.58
C THR B 197 -14.70 -9.44 14.04
N LEU B 198 -14.14 -8.85 12.98
CA LEU B 198 -13.12 -9.52 12.18
C LEU B 198 -11.85 -8.69 12.01
N LYS B 199 -10.70 -9.39 11.99
CA LYS B 199 -9.35 -8.79 11.90
C LYS B 199 -8.57 -9.41 10.76
N ASP B 200 -8.13 -8.62 9.78
CA ASP B 200 -7.30 -9.17 8.69
C ASP B 200 -6.15 -8.27 8.32
N MET B 201 -5.53 -8.54 7.16
CA MET B 201 -4.36 -7.80 6.66
C MET B 201 -4.52 -7.18 5.25
N GLU B 202 -5.71 -7.24 4.65
CA GLU B 202 -5.90 -6.69 3.26
C GLU B 202 -7.17 -5.90 3.04
N GLY B 203 -8.28 -6.36 3.62
CA GLY B 203 -9.62 -5.90 3.21
C GLY B 203 -9.78 -4.40 3.05
N ALA B 204 -9.42 -3.64 4.07
CA ALA B 204 -9.65 -2.20 3.97
C ALA B 204 -8.97 -1.55 2.76
N ALA B 205 -7.83 -2.13 2.35
CA ALA B 205 -7.03 -1.64 1.23
C ALA B 205 -7.69 -1.95 -0.09
N VAL B 206 -8.15 -3.19 -0.24
CA VAL B 206 -9.03 -3.59 -1.35
C VAL B 206 -10.21 -2.64 -1.46
N ALA B 207 -10.87 -2.35 -0.35
CA ALA B 207 -12.01 -1.44 -0.40
C ALA B 207 -11.59 -0.06 -0.85
N TYR B 208 -10.45 0.40 -0.34
CA TYR B 208 -9.92 1.70 -0.74
C TYR B 208 -9.79 1.81 -2.24
N VAL B 209 -9.21 0.78 -2.84
CA VAL B 209 -9.01 0.77 -4.30
C VAL B 209 -10.30 0.64 -5.12
N ALA B 210 -11.17 -0.28 -4.70
CA ALA B 210 -12.47 -0.49 -5.36
C ALA B 210 -13.27 0.79 -5.35
N ASP B 211 -13.08 1.58 -4.29
CA ASP B 211 -13.75 2.87 -4.17
C ASP B 211 -13.21 3.91 -5.14
N LEU B 212 -11.88 3.96 -5.26
CA LEU B 212 -11.21 4.87 -6.21
C LEU B 212 -11.72 4.63 -7.62
N LEU B 213 -11.90 3.35 -7.94
CA LEU B 213 -12.24 2.95 -9.32
C LEU B 213 -13.72 2.66 -9.51
N LYS B 214 -14.51 2.95 -8.46
CA LYS B 214 -15.96 2.77 -8.41
C LYS B 214 -16.45 1.37 -8.77
N ILE B 215 -15.78 0.35 -8.26
CA ILE B 215 -16.23 -1.03 -8.45
C ILE B 215 -16.83 -1.50 -7.13
N PRO B 216 -18.06 -2.05 -7.18
CA PRO B 216 -18.65 -2.79 -6.06
C PRO B 216 -17.69 -3.86 -5.50
N VAL B 217 -17.47 -3.82 -4.19
CA VAL B 217 -16.67 -4.89 -3.52
C VAL B 217 -17.49 -5.59 -2.43
N VAL B 218 -17.33 -6.92 -2.33
CA VAL B 218 -17.85 -7.70 -1.22
C VAL B 218 -16.74 -8.56 -0.60
N PHE B 219 -16.94 -9.02 0.65
CA PHE B 219 -15.90 -9.77 1.34
C PHE B 219 -16.40 -11.09 1.91
N LEU B 220 -15.63 -12.15 1.70
CA LEU B 220 -15.87 -13.44 2.36
C LEU B 220 -14.69 -13.67 3.26
N LYS B 221 -14.91 -13.66 4.57
CA LYS B 221 -13.82 -13.76 5.55
C LYS B 221 -13.99 -14.95 6.52
N ALA B 222 -13.13 -15.94 6.35
CA ALA B 222 -13.24 -17.24 7.04
C ALA B 222 -12.32 -17.31 8.25
N VAL B 223 -12.93 -17.58 9.41
CA VAL B 223 -12.27 -17.39 10.70
C VAL B 223 -11.36 -18.57 10.99
N THR B 224 -10.06 -18.32 11.09
CA THR B 224 -9.08 -19.40 11.30
C THR B 224 -8.56 -19.44 12.72
N ASP B 225 -8.77 -18.35 13.44
CA ASP B 225 -8.20 -18.21 14.76
C ASP B 225 -8.97 -17.13 15.51
N LEU B 226 -9.03 -17.28 16.83
CA LEU B 226 -9.77 -16.37 17.70
C LEU B 226 -8.81 -15.45 18.40
N VAL B 227 -8.94 -14.15 18.11
CA VAL B 227 -7.95 -13.16 18.55
C VAL B 227 -7.97 -12.94 20.06
N ASP B 228 -9.15 -13.07 20.67
CA ASP B 228 -9.28 -12.98 22.13
C ASP B 228 -8.92 -14.30 22.85
N GLY B 229 -8.79 -15.38 22.09
CA GLY B 229 -8.76 -16.76 22.63
C GLY B 229 -7.54 -17.21 23.43
N ASP B 230 -7.38 -18.54 23.54
CA ASP B 230 -6.35 -19.16 24.43
C ASP B 230 -5.16 -19.76 23.68
N LYS B 231 -4.87 -19.22 22.51
CA LYS B 231 -3.85 -19.80 21.65
C LYS B 231 -2.99 -18.69 21.02
N PRO B 232 -1.68 -18.97 20.85
CA PRO B 232 -0.84 -18.20 19.92
C PRO B 232 -1.46 -18.13 18.51
N THR B 233 -1.67 -16.91 18.00
CA THR B 233 -2.34 -16.66 16.71
C THR B 233 -1.89 -17.59 15.59
N ALA B 234 -0.58 -17.58 15.28
CA ALA B 234 -0.03 -18.33 14.14
C ALA B 234 -0.07 -19.85 14.32
N GLU B 235 -0.07 -20.32 15.56
CA GLU B 235 -0.21 -21.75 15.81
C GLU B 235 -1.62 -22.21 15.43
N GLU B 236 -2.63 -21.49 15.92
CA GLU B 236 -4.05 -21.69 15.52
C GLU B 236 -4.31 -21.45 14.03
N PHE B 237 -3.97 -20.25 13.56
CA PHE B 237 -4.00 -19.92 12.14
C PHE B 237 -3.60 -21.11 11.27
N LEU B 238 -2.43 -21.69 11.52
CA LEU B 238 -1.89 -22.74 10.64
C LEU B 238 -2.51 -24.12 10.87
N GLN B 239 -2.98 -24.35 12.10
CA GLN B 239 -3.65 -25.58 12.52
C GLN B 239 -5.03 -25.73 11.88
N ASN B 240 -5.67 -24.60 11.58
CA ASN B 240 -7.01 -24.60 11.04
C ASN B 240 -7.09 -24.42 9.51
N LEU B 241 -5.99 -23.98 8.90
CA LEU B 241 -5.98 -23.45 7.54
C LEU B 241 -6.50 -24.38 6.44
N THR B 242 -6.00 -25.62 6.39
CA THR B 242 -6.43 -26.54 5.34
C THR B 242 -7.97 -26.71 5.35
N VAL B 243 -8.53 -26.95 6.53
CA VAL B 243 -9.97 -27.18 6.65
C VAL B 243 -10.85 -25.91 6.44
N VAL B 244 -10.49 -24.80 7.09
CA VAL B 244 -11.22 -23.54 6.90
C VAL B 244 -11.17 -23.00 5.46
N THR B 245 -10.11 -23.34 4.72
CA THR B 245 -10.05 -22.89 3.33
C THR B 245 -10.97 -23.72 2.43
N ALA B 246 -11.25 -24.97 2.84
CA ALA B 246 -12.29 -25.76 2.17
C ALA B 246 -13.63 -25.10 2.42
N ALA B 247 -13.79 -24.56 3.62
CA ALA B 247 -15.04 -23.96 4.00
C ALA B 247 -15.32 -22.68 3.20
N LEU B 248 -14.29 -21.89 2.95
CA LEU B 248 -14.39 -20.65 2.17
C LEU B 248 -14.74 -20.91 0.69
N GLU B 249 -14.15 -21.96 0.12
CA GLU B 249 -14.53 -22.43 -1.22
C GLU B 249 -16.03 -22.74 -1.26
N GLY B 250 -16.48 -23.48 -0.23
CA GLY B 250 -17.89 -23.82 -0.05
C GLY B 250 -18.78 -22.60 -0.16
N THR B 251 -18.43 -21.53 0.55
CA THR B 251 -19.24 -20.29 0.49
C THR B 251 -19.06 -19.52 -0.83
N ALA B 252 -17.81 -19.46 -1.32
CA ALA B 252 -17.52 -18.74 -2.52
C ALA B 252 -18.25 -19.35 -3.71
N THR B 253 -18.29 -20.67 -3.76
CA THR B 253 -19.06 -21.41 -4.76
C THR B 253 -20.50 -20.96 -4.77
N LYS B 254 -21.17 -21.11 -3.62
CA LYS B 254 -22.56 -20.69 -3.48
C LYS B 254 -22.75 -19.23 -3.85
N VAL B 255 -21.80 -18.37 -3.47
CA VAL B 255 -21.89 -16.94 -3.77
C VAL B 255 -21.83 -16.74 -5.28
N ILE B 256 -20.96 -17.52 -5.95
CA ILE B 256 -20.82 -17.45 -7.40
C ILE B 256 -22.09 -17.90 -8.12
N ASN B 257 -22.64 -19.03 -7.69
CA ASN B 257 -23.93 -19.52 -8.20
C ASN B 257 -25.07 -18.50 -8.01
N PHE B 258 -25.12 -17.81 -6.87
CA PHE B 258 -26.19 -16.83 -6.62
C PHE B 258 -26.09 -15.65 -7.59
N ILE B 259 -24.88 -15.12 -7.74
CA ILE B 259 -24.62 -13.92 -8.52
C ILE B 259 -25.00 -14.11 -10.01
N ASN B 260 -24.73 -15.31 -10.52
CA ASN B 260 -25.03 -15.70 -11.93
C ASN B 260 -26.39 -15.21 -12.45
N GLY B 261 -26.40 -14.40 -13.51
CA GLY B 261 -27.69 -13.94 -14.09
C GLY B 261 -28.35 -12.75 -13.39
N ARG B 262 -27.76 -12.27 -12.32
CA ARG B 262 -28.36 -11.18 -11.56
C ARG B 262 -27.72 -9.84 -11.86
N ASN B 263 -28.53 -8.79 -11.72
CA ASN B 263 -28.04 -7.43 -11.56
C ASN B 263 -27.41 -7.24 -10.19
N LEU B 264 -26.70 -6.14 -10.03
CA LEU B 264 -26.17 -5.71 -8.74
C LEU B 264 -27.28 -5.33 -7.76
N SER B 265 -28.35 -4.73 -8.26
CA SER B 265 -29.49 -4.35 -7.43
C SER B 265 -30.26 -5.57 -6.96
N ASP B 266 -30.11 -6.69 -7.67
CA ASP B 266 -30.73 -7.96 -7.32
C ASP B 266 -30.03 -8.68 -6.15
N LEU B 267 -28.90 -8.13 -5.71
CA LEU B 267 -27.97 -8.87 -4.86
C LEU B 267 -28.36 -8.91 -3.37
#